data_5EY7
#
_entry.id   5EY7
#
_cell.length_a   107.116
_cell.length_b   99.858
_cell.length_c   61.548
_cell.angle_alpha   90.00
_cell.angle_beta   90.00
_cell.angle_gamma   90.00
#
_symmetry.space_group_name_H-M   'P 21 21 2'
#
loop_
_entity.id
_entity.type
_entity.pdbx_description
1 polymer Fructokinase
2 non-polymer 'SODIUM ION'
3 water water
#
_entity_poly.entity_id   1
_entity_poly.type   'polypeptide(L)'
_entity_poly.pdbx_seq_one_letter_code
;MKALVRLSSNHIFRSDSMSRVWLTGDAVVDLIPDGQQHYLKCPGGAPANVAVAIARLSGRSAFFGRVGNDPFGRFMQQTL
TDEQVDCQHLHFDPVHRTSTVVVDLDEHGERSFTFMVKPSADQFLQLSDIPSFQKGEWLHVCSIALANQPSRSSTFAAIA
QMKEVGGYVSFDPNLREEVWSEPQELQATVMRAVGLADVVKFSEEELQFLTGTQSIEEGLQAIADFQIPLVVVTLGAKGA
LVATPNSQQIVSGKAVKPIDTTGAGDAFVGGLLYRLSVAQDWHNQATILDAVKWANGCGALATTQKGAMTALPNQAALYA
FLE
;
_entity_poly.pdbx_strand_id   A,B
#
loop_
_chem_comp.id
_chem_comp.type
_chem_comp.name
_chem_comp.formula
NA non-polymer 'SODIUM ION' 'Na 1'
#
# COMPACT_ATOMS: atom_id res chain seq x y z
N SER A 17 -2.75 9.10 38.17
CA SER A 17 -2.60 10.20 39.10
C SER A 17 -1.97 11.42 38.42
N MET A 18 -0.98 11.16 37.57
CA MET A 18 -0.29 12.22 36.85
C MET A 18 -0.98 12.52 35.52
N SER A 19 -0.42 13.46 34.76
CA SER A 19 -1.09 13.98 33.57
C SER A 19 -1.25 12.97 32.43
N ARG A 20 -2.48 12.85 31.95
CA ARG A 20 -2.78 12.01 30.79
C ARG A 20 -2.28 12.68 29.51
N VAL A 21 -1.72 11.88 28.61
CA VAL A 21 -1.24 12.41 27.33
C VAL A 21 -2.08 11.87 26.17
N TRP A 22 -2.76 12.78 25.48
CA TRP A 22 -3.59 12.43 24.34
C TRP A 22 -2.75 12.38 23.06
N LEU A 23 -3.03 11.39 22.22
CA LEU A 23 -2.31 11.26 20.97
C LEU A 23 -3.27 11.03 19.81
N THR A 24 -3.00 11.68 18.68
CA THR A 24 -3.88 11.63 17.53
C THR A 24 -3.09 11.64 16.23
N GLY A 25 -3.69 11.09 15.17
CA GLY A 25 -3.04 11.05 13.88
C GLY A 25 -3.14 9.71 13.18
N ASP A 26 -2.04 9.28 12.59
CA ASP A 26 -2.04 8.08 11.77
C ASP A 26 -1.43 6.87 12.49
N ALA A 27 -2.26 5.86 12.73
CA ALA A 27 -1.77 4.55 13.15
C ALA A 27 -1.38 3.76 11.91
N VAL A 28 -0.13 3.33 11.85
CA VAL A 28 0.40 2.74 10.62
C VAL A 28 1.00 1.35 10.82
N VAL A 29 0.62 0.42 9.94
CA VAL A 29 1.28 -0.87 9.88
C VAL A 29 2.52 -0.76 8.99
N ASP A 30 3.68 -1.00 9.58
CA ASP A 30 4.94 -0.94 8.85
C ASP A 30 5.37 -2.32 8.37
N LEU A 31 5.72 -2.39 7.08
CA LEU A 31 6.22 -3.63 6.50
C LEU A 31 7.73 -3.53 6.32
N ILE A 32 8.48 -4.19 7.20
CA ILE A 32 9.92 -4.06 7.23
C ILE A 32 10.60 -5.31 6.70
N PRO A 33 11.58 -5.13 5.78
CA PRO A 33 12.23 -6.26 5.09
C PRO A 33 12.91 -7.23 6.04
N ASP A 34 12.49 -8.50 5.97
CA ASP A 34 13.16 -9.57 6.68
C ASP A 34 13.72 -10.54 5.65
N GLY A 35 14.92 -10.25 5.17
CA GLY A 35 15.54 -11.05 4.12
C GLY A 35 15.24 -10.50 2.74
N GLN A 36 15.05 -11.40 1.79
CA GLN A 36 14.83 -11.01 0.40
C GLN A 36 13.36 -11.12 -0.04
N GLN A 37 12.60 -12.00 0.61
CA GLN A 37 11.25 -12.30 0.17
C GLN A 37 10.21 -12.24 1.30
N HIS A 38 10.57 -11.58 2.39
CA HIS A 38 9.67 -11.49 3.54
C HIS A 38 9.61 -10.10 4.16
N TYR A 39 8.46 -9.77 4.73
CA TYR A 39 8.26 -8.50 5.41
C TYR A 39 7.83 -8.69 6.85
N LEU A 40 8.37 -7.87 7.74
CA LEU A 40 7.94 -7.86 9.14
C LEU A 40 6.68 -7.03 9.30
N LYS A 41 5.63 -7.63 9.83
CA LYS A 41 4.39 -6.91 10.11
C LYS A 41 4.50 -6.17 11.44
N CYS A 42 4.93 -4.91 11.38
CA CYS A 42 5.22 -4.13 12.57
C CYS A 42 4.26 -2.95 12.74
N PRO A 43 3.77 -2.76 13.98
CA PRO A 43 2.95 -1.59 14.32
C PRO A 43 3.80 -0.31 14.34
N GLY A 44 3.27 0.76 13.77
CA GLY A 44 3.97 2.02 13.70
C GLY A 44 3.05 3.22 13.62
N GLY A 45 3.58 4.33 13.11
CA GLY A 45 2.83 5.57 13.07
C GLY A 45 3.16 6.42 14.28
N ALA A 46 3.42 7.70 14.03
CA ALA A 46 3.89 8.62 15.07
C ALA A 46 3.02 8.63 16.34
N PRO A 47 1.69 8.84 16.21
CA PRO A 47 0.92 8.90 17.46
C PRO A 47 0.91 7.58 18.22
N ALA A 48 0.90 6.47 17.48
CA ALA A 48 0.88 5.15 18.09
C ALA A 48 2.22 4.81 18.75
N ASN A 49 3.31 5.21 18.12
CA ASN A 49 4.64 4.98 18.66
C ASN A 49 4.87 5.73 19.97
N VAL A 50 4.48 7.00 19.99
CA VAL A 50 4.68 7.84 21.16
C VAL A 50 3.74 7.42 22.29
N ALA A 51 2.51 7.08 21.93
CA ALA A 51 1.54 6.61 22.91
C ALA A 51 2.04 5.36 23.62
N VAL A 52 2.63 4.47 22.85
CA VAL A 52 3.19 3.22 23.36
C VAL A 52 4.44 3.46 24.19
N ALA A 53 5.27 4.41 23.76
CA ALA A 53 6.50 4.74 24.47
C ALA A 53 6.20 5.32 25.85
N ILE A 54 5.13 6.09 25.94
CA ILE A 54 4.73 6.71 27.20
C ILE A 54 4.20 5.65 28.16
N ALA A 55 3.36 4.77 27.63
CA ALA A 55 2.75 3.70 28.42
C ALA A 55 3.81 2.74 28.96
N ARG A 56 4.82 2.46 28.14
CA ARG A 56 5.89 1.55 28.55
C ARG A 56 6.75 2.15 29.65
N LEU A 57 6.65 3.47 29.83
CA LEU A 57 7.37 4.15 30.90
C LEU A 57 6.49 4.32 32.13
N SER A 58 5.43 3.50 32.20
CA SER A 58 4.40 3.55 33.25
C SER A 58 3.65 4.88 33.26
N GLY A 59 3.59 5.53 32.10
CA GLY A 59 2.84 6.77 31.95
C GLY A 59 1.43 6.54 31.46
N ARG A 60 0.62 7.59 31.54
CA ARG A 60 -0.79 7.48 31.15
C ARG A 60 -1.03 8.15 29.80
N SER A 61 -1.24 7.34 28.77
CA SER A 61 -1.46 7.86 27.43
C SER A 61 -2.73 7.30 26.80
N ALA A 62 -3.41 8.13 26.03
CA ALA A 62 -4.63 7.72 25.33
C ALA A 62 -4.56 8.12 23.87
N PHE A 63 -5.33 7.42 23.04
CA PHE A 63 -5.33 7.67 21.60
C PHE A 63 -6.72 7.97 21.10
N PHE A 64 -6.85 9.07 20.37
CA PHE A 64 -8.08 9.32 19.61
C PHE A 64 -7.70 9.58 18.16
N GLY A 65 -8.41 8.91 17.25
CA GLY A 65 -8.08 8.99 15.84
C GLY A 65 -8.96 8.08 15.02
N ARG A 66 -8.57 7.88 13.76
CA ARG A 66 -9.38 7.10 12.84
C ARG A 66 -8.51 6.15 12.03
N VAL A 67 -8.91 4.88 12.03
CA VAL A 67 -8.26 3.86 11.20
C VAL A 67 -9.31 3.20 10.31
N GLY A 68 -8.84 2.42 9.35
CA GLY A 68 -9.74 1.71 8.47
C GLY A 68 -10.44 0.57 9.19
N ASN A 69 -11.65 0.25 8.77
CA ASN A 69 -12.37 -0.90 9.31
C ASN A 69 -11.69 -2.21 8.92
N ASP A 70 -10.73 -2.10 8.00
CA ASP A 70 -9.91 -3.23 7.57
C ASP A 70 -9.16 -3.87 8.74
N PRO A 71 -8.62 -5.11 8.54
CA PRO A 71 -7.98 -5.81 9.66
C PRO A 71 -6.64 -5.21 10.08
N PHE A 72 -6.01 -4.44 9.22
CA PHE A 72 -4.77 -3.75 9.58
C PHE A 72 -5.05 -2.74 10.69
N GLY A 73 -6.28 -2.26 10.75
CA GLY A 73 -6.72 -1.34 11.79
C GLY A 73 -7.14 -2.07 13.05
N ARG A 74 -7.60 -3.30 12.88
CA ARG A 74 -7.92 -4.15 14.03
C ARG A 74 -6.63 -4.57 14.71
N PHE A 75 -5.59 -4.72 13.90
CA PHE A 75 -4.25 -5.06 14.39
C PHE A 75 -3.68 -3.95 15.26
N MET A 76 -3.95 -2.70 14.91
CA MET A 76 -3.43 -1.57 15.66
C MET A 76 -4.23 -1.33 16.93
N GLN A 77 -5.53 -1.63 16.89
CA GLN A 77 -6.36 -1.53 18.08
C GLN A 77 -5.91 -2.54 19.13
N GLN A 78 -5.56 -3.73 18.66
CA GLN A 78 -5.09 -4.79 19.54
C GLN A 78 -3.74 -4.44 20.16
N THR A 79 -2.84 -3.92 19.33
CA THR A 79 -1.50 -3.54 19.78
C THR A 79 -1.54 -2.42 20.83
N LEU A 80 -2.50 -1.50 20.69
CA LEU A 80 -2.61 -0.38 21.61
C LEU A 80 -3.19 -0.82 22.95
N THR A 81 -4.19 -1.70 22.90
CA THR A 81 -4.82 -2.21 24.11
C THR A 81 -3.85 -3.08 24.91
N ASP A 82 -2.95 -3.75 24.23
CA ASP A 82 -2.00 -4.63 24.89
C ASP A 82 -0.85 -3.89 25.57
N GLU A 83 -0.75 -2.59 25.34
CA GLU A 83 0.51 -1.90 25.60
C GLU A 83 0.72 -0.92 26.79
N GLN A 84 -0.30 -0.27 27.36
CA GLN A 84 -1.71 -0.49 27.14
C GLN A 84 -2.44 0.85 27.02
N VAL A 85 -2.40 1.43 25.82
CA VAL A 85 -2.99 2.74 25.56
C VAL A 85 -4.50 2.69 25.57
N ASP A 86 -5.13 3.70 26.16
CA ASP A 86 -6.57 3.88 26.04
C ASP A 86 -6.90 4.21 24.59
N CYS A 87 -7.83 3.46 24.02
CA CYS A 87 -8.30 3.73 22.66
C CYS A 87 -9.82 3.56 22.58
N GLN A 88 -10.52 4.05 23.60
CA GLN A 88 -11.97 4.13 23.57
C GLN A 88 -12.40 5.05 22.44
N HIS A 89 -11.59 6.07 22.18
CA HIS A 89 -11.89 7.03 21.13
C HIS A 89 -11.16 6.71 19.83
N LEU A 90 -10.93 5.41 19.61
CA LEU A 90 -10.42 4.94 18.34
C LEU A 90 -11.61 4.58 17.46
N HIS A 91 -11.63 5.13 16.25
CA HIS A 91 -12.76 4.92 15.35
C HIS A 91 -12.34 4.16 14.09
N PHE A 92 -13.30 3.46 13.50
CA PHE A 92 -13.04 2.68 12.30
C PHE A 92 -13.78 3.26 11.10
N ASP A 93 -13.03 3.73 10.11
CA ASP A 93 -13.64 4.22 8.88
C ASP A 93 -14.08 3.05 8.01
N PRO A 94 -15.39 3.01 7.68
CA PRO A 94 -15.96 1.90 6.91
C PRO A 94 -15.73 2.00 5.40
N VAL A 95 -14.85 2.91 4.97
CA VAL A 95 -14.60 3.08 3.53
C VAL A 95 -13.12 3.12 3.20
N HIS A 96 -12.35 3.91 3.94
CA HIS A 96 -10.95 4.11 3.61
C HIS A 96 -10.02 3.17 4.38
N ARG A 97 -8.78 3.07 3.90
CA ARG A 97 -7.83 2.08 4.39
C ARG A 97 -6.91 2.59 5.49
N THR A 98 -6.53 1.68 6.39
CA THR A 98 -5.50 1.95 7.38
C THR A 98 -4.18 2.19 6.68
N SER A 99 -3.47 3.22 7.10
CA SER A 99 -2.19 3.60 6.50
C SER A 99 -1.17 2.46 6.52
N THR A 100 -0.66 2.11 5.35
CA THR A 100 0.37 1.09 5.25
C THR A 100 1.66 1.67 4.67
N VAL A 101 2.75 1.56 5.42
CA VAL A 101 4.04 2.05 4.96
C VAL A 101 5.01 0.90 4.71
N VAL A 102 5.61 0.90 3.53
CA VAL A 102 6.64 -0.09 3.19
C VAL A 102 8.01 0.55 3.25
N VAL A 103 8.80 0.14 4.24
CA VAL A 103 10.16 0.63 4.35
C VAL A 103 11.08 -0.26 3.54
N ASP A 104 11.90 0.37 2.71
CA ASP A 104 12.91 -0.33 1.95
C ASP A 104 14.23 0.33 2.29
N LEU A 105 15.24 0.11 1.44
CA LEU A 105 16.49 0.83 1.59
C LEU A 105 16.61 1.87 0.49
N ASP A 106 17.36 2.92 0.77
CA ASP A 106 17.54 3.99 -0.20
C ASP A 106 19.01 4.23 -0.47
N GLU A 107 19.49 3.81 -1.64
CA GLU A 107 20.89 3.98 -2.00
C GLU A 107 21.30 5.46 -1.87
N HIS A 108 22.61 5.67 -1.71
CA HIS A 108 23.22 6.94 -1.30
C HIS A 108 23.08 7.43 0.17
N GLY A 109 22.82 6.60 1.18
CA GLY A 109 22.64 5.16 1.12
C GLY A 109 22.00 4.65 2.40
N GLU A 110 20.77 5.08 2.67
CA GLU A 110 20.09 4.74 3.92
C GLU A 110 18.74 4.08 3.71
N ARG A 111 17.82 4.33 4.64
CA ARG A 111 16.47 3.76 4.59
C ARG A 111 15.53 4.63 3.79
N SER A 112 14.38 4.07 3.44
CA SER A 112 13.35 4.81 2.70
C SER A 112 11.96 4.34 3.08
N PHE A 113 11.03 5.28 3.21
CA PHE A 113 9.65 4.97 3.53
C PHE A 113 8.74 5.33 2.37
N THR A 114 7.67 4.58 2.18
CA THR A 114 6.74 4.83 1.09
C THR A 114 5.29 4.61 1.54
N PHE A 115 4.47 5.64 1.38
CA PHE A 115 3.07 5.56 1.78
C PHE A 115 2.21 4.93 0.69
N MET A 116 1.62 3.78 1.01
CA MET A 116 0.86 3.00 0.05
C MET A 116 -0.60 3.43 -0.06
N VAL A 117 -1.11 4.06 1.00
CA VAL A 117 -2.52 4.41 1.06
C VAL A 117 -2.72 5.92 1.12
N LYS A 118 -3.26 6.49 0.05
CA LYS A 118 -3.49 7.92 -0.02
C LYS A 118 -4.83 8.25 -0.67
N PRO A 119 -5.73 8.91 0.09
CA PRO A 119 -5.53 9.22 1.51
C PRO A 119 -6.02 8.11 2.44
N SER A 120 -5.32 7.90 3.55
CA SER A 120 -5.72 6.87 4.50
C SER A 120 -6.85 7.38 5.40
N ALA A 121 -7.38 6.47 6.23
CA ALA A 121 -8.55 6.76 7.05
C ALA A 121 -8.35 7.91 8.05
N ASP A 122 -7.13 8.06 8.55
CA ASP A 122 -6.82 9.10 9.54
C ASP A 122 -7.01 10.51 8.97
N GLN A 123 -6.95 10.63 7.65
CA GLN A 123 -7.16 11.90 6.98
C GLN A 123 -8.62 12.33 7.04
N PHE A 124 -9.48 11.42 7.46
CA PHE A 124 -10.90 11.69 7.55
C PHE A 124 -11.34 11.80 9.01
N LEU A 125 -10.41 12.22 9.87
CA LEU A 125 -10.71 12.48 11.27
C LEU A 125 -11.79 13.55 11.38
N GLN A 126 -12.86 13.24 12.12
CA GLN A 126 -13.99 14.14 12.22
C GLN A 126 -14.03 14.92 13.54
N LEU A 127 -14.84 15.96 13.56
CA LEU A 127 -15.03 16.77 14.77
C LEU A 127 -15.63 15.93 15.88
N SER A 128 -16.44 14.95 15.50
CA SER A 128 -17.15 14.09 16.44
C SER A 128 -16.21 13.10 17.13
N ASP A 129 -15.02 12.92 16.56
CA ASP A 129 -14.06 11.95 17.10
C ASP A 129 -13.28 12.53 18.27
N ILE A 130 -13.27 13.84 18.38
CA ILE A 130 -12.52 14.53 19.42
C ILE A 130 -13.13 14.31 20.81
N PRO A 131 -12.31 13.80 21.75
CA PRO A 131 -12.77 13.56 23.11
C PRO A 131 -12.74 14.83 23.96
N SER A 132 -13.25 14.75 25.19
CA SER A 132 -13.15 15.86 26.12
C SER A 132 -11.75 15.96 26.69
N PHE A 133 -11.21 17.17 26.70
CA PHE A 133 -9.89 17.43 27.25
C PHE A 133 -10.00 18.05 28.63
N GLN A 134 -8.93 17.93 29.41
CA GLN A 134 -8.91 18.47 30.77
C GLN A 134 -7.64 19.27 31.05
N LYS A 135 -7.73 20.18 32.00
CA LYS A 135 -6.61 21.02 32.40
C LYS A 135 -5.40 20.20 32.81
N GLY A 136 -4.23 20.56 32.31
CA GLY A 136 -3.00 19.87 32.67
C GLY A 136 -2.59 18.77 31.71
N GLU A 137 -3.54 18.27 30.93
CA GLU A 137 -3.27 17.18 29.98
C GLU A 137 -2.36 17.63 28.83
N TRP A 138 -1.90 16.66 28.06
CA TRP A 138 -1.03 16.93 26.91
C TRP A 138 -1.66 16.43 25.62
N LEU A 139 -1.32 17.08 24.52
CA LEU A 139 -1.75 16.66 23.19
C LEU A 139 -0.59 16.77 22.22
N HIS A 140 -0.22 15.65 21.61
CA HIS A 140 0.86 15.63 20.63
C HIS A 140 0.31 15.41 19.24
N VAL A 141 0.81 16.18 18.28
CA VAL A 141 0.31 16.12 16.92
C VAL A 141 1.45 16.03 15.91
N CYS A 142 1.31 15.13 14.94
CA CYS A 142 2.24 15.07 13.82
C CYS A 142 1.67 15.83 12.63
N SER A 143 2.55 16.42 11.83
CA SER A 143 2.14 17.29 10.72
C SER A 143 1.35 16.57 9.65
N ILE A 144 1.42 15.25 9.64
CA ILE A 144 0.67 14.43 8.69
C ILE A 144 -0.83 14.62 8.92
N ALA A 145 -1.20 14.96 10.14
CA ALA A 145 -2.60 15.15 10.50
C ALA A 145 -3.17 16.45 9.91
N LEU A 146 -2.29 17.35 9.47
CA LEU A 146 -2.71 18.62 8.89
C LEU A 146 -2.75 18.56 7.37
N ALA A 147 -2.45 17.39 6.82
CA ALA A 147 -2.28 17.24 5.38
C ALA A 147 -3.54 17.54 4.57
N ASN A 148 -4.65 16.90 4.94
CA ASN A 148 -5.89 17.04 4.18
C ASN A 148 -7.12 17.20 5.07
N GLN A 149 -8.18 17.75 4.48
CA GLN A 149 -9.47 17.87 5.15
C GLN A 149 -10.19 16.53 5.11
N PRO A 150 -11.02 16.24 6.13
CA PRO A 150 -11.36 17.11 7.26
C PRO A 150 -10.44 16.97 8.47
N SER A 151 -9.37 16.18 8.34
CA SER A 151 -8.45 15.97 9.46
C SER A 151 -7.76 17.25 9.87
N ARG A 152 -7.38 18.05 8.88
CA ARG A 152 -6.69 19.32 9.14
C ARG A 152 -7.47 20.23 10.09
N SER A 153 -8.72 20.52 9.74
CA SER A 153 -9.57 21.35 10.57
C SER A 153 -9.92 20.69 11.90
N SER A 154 -10.10 19.37 11.87
CA SER A 154 -10.41 18.62 13.08
C SER A 154 -9.24 18.70 14.06
N THR A 155 -8.04 18.49 13.54
CA THR A 155 -6.83 18.55 14.36
C THR A 155 -6.58 19.96 14.89
N PHE A 156 -6.78 20.97 14.04
CA PHE A 156 -6.63 22.35 14.48
C PHE A 156 -7.65 22.70 15.55
N ALA A 157 -8.84 22.13 15.44
CA ALA A 157 -9.89 22.35 16.42
C ALA A 157 -9.56 21.69 17.74
N ALA A 158 -8.95 20.50 17.69
CA ALA A 158 -8.58 19.78 18.89
C ALA A 158 -7.43 20.48 19.62
N ILE A 159 -6.46 20.98 18.86
CA ILE A 159 -5.34 21.72 19.43
C ILE A 159 -5.83 22.92 20.24
N ALA A 160 -6.75 23.67 19.65
CA ALA A 160 -7.31 24.85 20.29
C ALA A 160 -8.06 24.50 21.57
N GLN A 161 -8.83 23.43 21.52
CA GLN A 161 -9.64 23.01 22.66
C GLN A 161 -8.78 22.64 23.86
N MET A 162 -7.63 22.04 23.59
CA MET A 162 -6.70 21.68 24.67
C MET A 162 -6.08 22.93 25.28
N LYS A 163 -5.79 23.92 24.44
CA LYS A 163 -5.21 25.17 24.91
C LYS A 163 -6.19 25.95 25.76
N GLU A 164 -7.45 25.96 25.34
CA GLU A 164 -8.50 26.71 26.04
C GLU A 164 -8.76 26.14 27.43
N VAL A 165 -8.57 24.83 27.58
CA VAL A 165 -8.89 24.15 28.83
C VAL A 165 -7.73 24.17 29.81
N GLY A 166 -6.57 24.62 29.36
CA GLY A 166 -5.41 24.71 30.23
C GLY A 166 -4.50 23.50 30.11
N GLY A 167 -4.52 22.87 28.94
CA GLY A 167 -3.62 21.78 28.65
C GLY A 167 -2.43 22.28 27.86
N TYR A 168 -1.63 21.37 27.35
CA TYR A 168 -0.44 21.73 26.59
C TYR A 168 -0.38 20.99 25.26
N VAL A 169 0.28 21.60 24.27
CA VAL A 169 0.30 21.06 22.93
C VAL A 169 1.72 20.77 22.49
N SER A 170 1.95 19.54 22.06
CA SER A 170 3.23 19.14 21.50
C SER A 170 3.06 18.93 20.00
N PHE A 171 4.08 19.30 19.23
CA PHE A 171 3.97 19.21 17.79
C PHE A 171 5.28 18.80 17.13
N ASP A 172 5.20 17.81 16.24
CA ASP A 172 6.36 17.33 15.52
C ASP A 172 6.09 17.39 14.04
N PRO A 173 6.67 18.41 13.37
CA PRO A 173 6.54 18.50 11.91
C PRO A 173 7.29 17.39 11.18
N ASN A 174 6.91 16.14 11.41
CA ASN A 174 7.48 15.00 10.69
C ASN A 174 7.11 15.05 9.23
N LEU A 175 7.90 15.78 8.44
CA LEU A 175 7.54 16.10 7.07
C LEU A 175 7.49 14.92 6.11
N ARG A 176 6.36 14.77 5.45
CA ARG A 176 6.20 13.81 4.36
C ARG A 176 5.25 14.41 3.33
N GLU A 177 5.84 15.02 2.30
CA GLU A 177 5.08 15.77 1.31
C GLU A 177 4.14 14.89 0.48
N GLU A 178 4.45 13.59 0.43
CA GLU A 178 3.70 12.65 -0.39
C GLU A 178 2.21 12.61 -0.06
N VAL A 179 1.88 12.66 1.22
CA VAL A 179 0.50 12.50 1.66
C VAL A 179 -0.31 13.77 1.50
N TRP A 180 0.34 14.86 1.10
CA TRP A 180 -0.36 16.13 0.88
C TRP A 180 -0.87 16.21 -0.55
N SER A 181 -2.19 16.35 -0.70
CA SER A 181 -2.78 16.47 -2.03
C SER A 181 -2.48 17.85 -2.62
N GLU A 182 -2.17 18.80 -1.75
CA GLU A 182 -1.74 20.13 -2.17
C GLU A 182 -0.45 20.50 -1.46
N PRO A 183 0.68 19.94 -1.93
CA PRO A 183 1.99 20.10 -1.29
C PRO A 183 2.41 21.55 -1.07
N GLN A 184 1.86 22.47 -1.85
CA GLN A 184 2.20 23.88 -1.72
C GLN A 184 1.65 24.46 -0.43
N GLU A 185 0.64 23.79 0.13
CA GLU A 185 -0.01 24.25 1.35
C GLU A 185 0.76 23.84 2.60
N LEU A 186 1.84 23.10 2.43
CA LEU A 186 2.54 22.49 3.57
C LEU A 186 3.17 23.50 4.51
N GLN A 187 4.02 24.37 3.98
CA GLN A 187 4.77 25.31 4.81
C GLN A 187 3.88 26.20 5.66
N ALA A 188 2.86 26.79 5.04
CA ALA A 188 1.97 27.71 5.74
C ALA A 188 1.11 27.00 6.77
N THR A 189 0.66 25.79 6.43
CA THR A 189 -0.19 25.01 7.32
C THR A 189 0.61 24.51 8.53
N VAL A 190 1.83 24.05 8.28
CA VAL A 190 2.68 23.56 9.36
C VAL A 190 3.10 24.70 10.30
N MET A 191 3.53 25.82 9.73
CA MET A 191 4.00 26.95 10.53
C MET A 191 2.88 27.54 11.37
N ARG A 192 1.65 27.34 10.95
CA ARG A 192 0.50 27.78 11.73
C ARG A 192 0.43 27.01 13.04
N ALA A 193 0.63 25.70 12.96
CA ALA A 193 0.61 24.82 14.14
C ALA A 193 1.81 25.10 15.05
N VAL A 194 2.94 25.47 14.44
CA VAL A 194 4.15 25.77 15.19
C VAL A 194 3.94 26.93 16.15
N GLY A 195 3.23 27.96 15.68
CA GLY A 195 2.95 29.13 16.49
C GLY A 195 1.90 28.91 17.56
N LEU A 196 1.29 27.72 17.57
CA LEU A 196 0.23 27.41 18.52
C LEU A 196 0.67 26.43 19.61
N ALA A 197 1.87 25.87 19.47
CA ALA A 197 2.32 24.82 20.37
C ALA A 197 3.18 25.35 21.51
N ASP A 198 3.25 24.57 22.59
CA ASP A 198 4.15 24.86 23.69
C ASP A 198 5.51 24.23 23.44
N VAL A 199 5.50 23.05 22.81
CA VAL A 199 6.72 22.32 22.53
C VAL A 199 6.80 21.92 21.06
N VAL A 200 7.93 22.21 20.42
CA VAL A 200 8.13 21.84 19.02
C VAL A 200 9.47 21.13 18.84
N LYS A 201 9.45 20.01 18.14
CA LYS A 201 10.66 19.27 17.83
C LYS A 201 11.07 19.46 16.38
N PHE A 202 12.27 20.02 16.18
CA PHE A 202 12.78 20.25 14.83
C PHE A 202 13.94 19.33 14.50
N SER A 203 14.00 18.91 13.23
CA SER A 203 15.24 18.39 12.69
C SER A 203 16.06 19.60 12.27
N GLU A 204 17.34 19.42 11.99
CA GLU A 204 18.15 20.52 11.49
C GLU A 204 17.72 20.91 10.09
N GLU A 205 17.27 19.94 9.30
CA GLU A 205 16.82 20.21 7.95
C GLU A 205 15.35 20.62 7.91
N GLU A 206 14.61 20.29 8.97
CA GLU A 206 13.21 20.67 9.06
C GLU A 206 13.08 22.15 9.35
N LEU A 207 13.77 22.61 10.39
CA LEU A 207 13.82 24.01 10.77
C LEU A 207 14.29 24.88 9.62
N GLN A 208 15.21 24.34 8.80
CA GLN A 208 15.74 25.04 7.65
C GLN A 208 14.66 25.24 6.59
N PHE A 209 13.98 24.16 6.23
CA PHE A 209 12.95 24.18 5.20
C PHE A 209 11.80 25.12 5.55
N LEU A 210 11.38 25.09 6.80
CA LEU A 210 10.20 25.85 7.21
C LEU A 210 10.48 27.33 7.41
N THR A 211 11.76 27.68 7.58
CA THR A 211 12.14 29.07 7.82
C THR A 211 12.82 29.71 6.62
N GLY A 212 13.18 28.90 5.64
CA GLY A 212 13.88 29.38 4.45
C GLY A 212 15.29 29.82 4.78
N THR A 213 15.78 29.39 5.94
CA THR A 213 17.11 29.74 6.39
C THR A 213 18.09 28.61 6.10
N GLN A 214 19.34 28.82 6.50
CA GLN A 214 20.38 27.80 6.29
C GLN A 214 21.00 27.38 7.62
N SER A 215 21.17 28.34 8.53
CA SER A 215 21.82 28.07 9.81
C SER A 215 20.81 27.96 10.95
N ILE A 216 21.07 27.06 11.88
CA ILE A 216 20.20 26.82 13.03
C ILE A 216 19.91 28.10 13.82
N GLU A 217 20.93 28.94 13.99
CA GLU A 217 20.78 30.21 14.68
C GLU A 217 19.77 31.11 13.98
N GLU A 218 19.79 31.12 12.65
CA GLU A 218 18.88 31.95 11.88
C GLU A 218 17.46 31.42 11.94
N GLY A 219 17.31 30.10 11.89
CA GLY A 219 16.01 29.47 11.95
C GLY A 219 15.32 29.71 13.28
N LEU A 220 16.12 29.95 14.31
CA LEU A 220 15.60 30.20 15.65
C LEU A 220 15.12 31.65 15.80
N GLN A 221 15.90 32.59 15.28
CA GLN A 221 15.52 33.99 15.33
C GLN A 221 14.29 34.23 14.46
N ALA A 222 14.10 33.39 13.45
CA ALA A 222 12.96 33.49 12.56
C ALA A 222 11.67 33.16 13.31
N ILE A 223 11.69 32.08 14.08
CA ILE A 223 10.52 31.65 14.84
C ILE A 223 10.54 32.20 16.26
N ALA A 224 11.51 33.06 16.54
CA ALA A 224 11.69 33.60 17.88
C ALA A 224 10.51 34.44 18.36
N ASP A 225 9.73 34.96 17.43
CA ASP A 225 8.65 35.89 17.77
C ASP A 225 7.35 35.16 18.13
N PHE A 226 7.35 33.84 18.00
CA PHE A 226 6.21 33.04 18.43
C PHE A 226 6.21 32.86 19.93
N GLN A 227 7.39 33.07 20.52
CA GLN A 227 7.60 32.93 21.96
C GLN A 227 7.19 31.55 22.45
N ILE A 228 7.68 30.53 21.75
CA ILE A 228 7.40 29.14 22.11
C ILE A 228 8.17 28.75 23.37
N PRO A 229 7.45 28.20 24.37
CA PRO A 229 8.05 27.82 25.65
C PRO A 229 9.26 26.90 25.52
N LEU A 230 9.20 25.96 24.58
CA LEU A 230 10.26 24.98 24.43
C LEU A 230 10.44 24.53 22.99
N VAL A 231 11.64 24.77 22.46
CA VAL A 231 11.97 24.31 21.11
C VAL A 231 13.16 23.36 21.17
N VAL A 232 13.00 22.18 20.58
CA VAL A 232 14.07 21.20 20.55
C VAL A 232 14.52 20.92 19.12
N VAL A 233 15.81 21.04 18.88
CA VAL A 233 16.38 20.73 17.59
C VAL A 233 17.37 19.58 17.72
N THR A 234 16.99 18.42 17.19
CA THR A 234 17.86 17.25 17.23
C THR A 234 19.13 17.47 16.42
N LEU A 235 20.27 17.34 17.08
CA LEU A 235 21.55 17.49 16.42
C LEU A 235 22.09 16.14 15.96
N GLY A 236 21.19 15.27 15.53
CA GLY A 236 21.56 13.97 15.02
C GLY A 236 22.19 13.08 16.08
N ALA A 237 23.52 13.08 16.14
CA ALA A 237 24.25 12.19 17.03
C ALA A 237 24.95 12.93 18.16
N LYS A 238 24.89 14.26 18.12
CA LYS A 238 25.47 15.07 19.20
C LYS A 238 24.40 15.39 20.24
N GLY A 239 23.24 14.77 20.10
CA GLY A 239 22.16 14.95 21.04
C GLY A 239 21.08 15.88 20.51
N ALA A 240 20.89 17.00 21.20
CA ALA A 240 19.87 17.96 20.81
C ALA A 240 20.15 19.34 21.39
N LEU A 241 19.72 20.36 20.66
CA LEU A 241 19.80 21.73 21.16
C LEU A 241 18.47 22.11 21.80
N VAL A 242 18.52 22.65 23.01
CA VAL A 242 17.32 22.98 23.75
C VAL A 242 17.11 24.49 23.83
N ALA A 243 16.02 24.96 23.26
CA ALA A 243 15.79 26.40 23.15
C ALA A 243 14.56 26.86 23.93
N THR A 244 14.78 27.84 24.79
CA THR A 244 13.72 28.47 25.57
C THR A 244 13.83 29.98 25.39
N PRO A 245 12.73 30.74 25.62
CA PRO A 245 12.75 32.19 25.42
C PRO A 245 13.96 32.91 26.01
N ASN A 246 14.45 32.47 27.17
CA ASN A 246 15.59 33.11 27.79
C ASN A 246 16.93 32.47 27.43
N SER A 247 16.99 31.14 27.48
CA SER A 247 18.26 30.44 27.39
C SER A 247 18.31 29.35 26.33
N GLN A 248 19.50 29.14 25.78
CA GLN A 248 19.78 28.00 24.92
C GLN A 248 20.87 27.14 25.56
N GLN A 249 20.69 25.82 25.49
CA GLN A 249 21.67 24.88 26.01
C GLN A 249 21.76 23.66 25.12
N ILE A 250 22.90 22.98 25.14
CA ILE A 250 23.02 21.71 24.45
C ILE A 250 22.94 20.57 25.45
N VAL A 251 22.23 19.51 25.07
CA VAL A 251 22.10 18.33 25.93
C VAL A 251 22.60 17.11 25.18
N SER A 252 23.70 16.55 25.68
CA SER A 252 24.42 15.49 24.99
C SER A 252 23.69 14.15 25.06
N GLY A 253 24.24 13.17 24.36
CA GLY A 253 23.69 11.82 24.34
C GLY A 253 24.75 10.78 24.06
N LYS A 254 24.38 9.50 24.22
CA LYS A 254 25.30 8.41 24.00
C LYS A 254 24.84 7.52 22.85
N ALA A 255 25.76 6.76 22.26
CA ALA A 255 25.46 6.03 21.03
C ALA A 255 25.20 4.54 21.26
N VAL A 256 24.50 3.93 20.30
CA VAL A 256 24.14 2.52 20.37
C VAL A 256 24.45 1.79 19.06
N LYS A 257 23.68 0.74 18.78
CA LYS A 257 23.85 -0.05 17.56
C LYS A 257 22.65 0.12 16.63
N PRO A 258 22.73 1.11 15.73
CA PRO A 258 21.60 1.38 14.84
C PRO A 258 21.33 0.24 13.85
N ILE A 259 20.21 -0.45 14.02
CA ILE A 259 19.83 -1.52 13.10
C ILE A 259 18.42 -1.33 12.58
N ASP A 260 17.75 -0.28 13.08
CA ASP A 260 16.44 0.13 12.56
C ASP A 260 16.01 1.48 13.15
N THR A 261 16.24 2.54 12.38
CA THR A 261 15.95 3.90 12.82
C THR A 261 14.46 4.21 12.76
N THR A 262 13.67 3.22 12.37
CA THR A 262 12.23 3.39 12.25
C THR A 262 11.59 3.82 13.56
N GLY A 263 11.16 5.08 13.64
CA GLY A 263 10.46 5.57 14.79
C GLY A 263 11.35 6.03 15.93
N ALA A 264 12.61 6.31 15.62
CA ALA A 264 13.54 6.81 16.62
C ALA A 264 13.12 8.18 17.13
N GLY A 265 12.57 9.00 16.24
CA GLY A 265 12.12 10.33 16.60
C GLY A 265 10.85 10.28 17.42
N ASP A 266 10.01 9.29 17.15
CA ASP A 266 8.77 9.10 17.90
C ASP A 266 9.08 8.58 19.30
N ALA A 267 10.23 7.94 19.44
CA ALA A 267 10.70 7.47 20.73
C ALA A 267 11.22 8.64 21.56
N PHE A 268 11.94 9.53 20.89
CA PHE A 268 12.42 10.79 21.47
C PHE A 268 11.26 11.54 22.11
N VAL A 269 10.23 11.82 21.29
CA VAL A 269 9.03 12.50 21.75
C VAL A 269 8.36 11.77 22.91
N GLY A 270 8.42 10.45 22.88
CA GLY A 270 7.87 9.63 23.94
C GLY A 270 8.52 9.89 25.29
N GLY A 271 9.85 9.87 25.31
CA GLY A 271 10.60 10.09 26.52
C GLY A 271 10.50 11.52 27.02
N LEU A 272 10.51 12.46 26.06
CA LEU A 272 10.39 13.88 26.38
C LEU A 272 9.05 14.19 27.07
N LEU A 273 7.97 13.73 26.47
CA LEU A 273 6.63 14.05 26.97
C LEU A 273 6.29 13.35 28.28
N TYR A 274 6.77 12.12 28.47
CA TYR A 274 6.52 11.42 29.72
C TYR A 274 7.14 12.17 30.90
N ARG A 275 8.42 12.52 30.75
CA ARG A 275 9.15 13.22 31.79
C ARG A 275 8.49 14.54 32.14
N LEU A 276 7.90 15.19 31.16
CA LEU A 276 7.19 16.45 31.38
C LEU A 276 5.82 16.21 32.00
N SER A 277 5.19 15.09 31.66
CA SER A 277 3.83 14.80 32.09
C SER A 277 3.72 14.48 33.58
N VAL A 278 4.84 14.12 34.20
CA VAL A 278 4.81 13.71 35.59
C VAL A 278 5.23 14.84 36.52
N ALA A 279 5.76 15.91 35.96
CA ALA A 279 6.18 17.07 36.74
C ALA A 279 5.00 17.92 37.18
N GLN A 280 5.09 18.48 38.38
CA GLN A 280 4.10 19.41 38.88
C GLN A 280 4.08 20.66 37.99
N ASP A 281 5.27 21.09 37.59
CA ASP A 281 5.42 22.20 36.67
C ASP A 281 6.53 21.87 35.68
N TRP A 282 6.15 21.58 34.44
CA TRP A 282 7.13 21.18 33.43
C TRP A 282 7.95 22.35 32.91
N HIS A 283 7.52 23.57 33.22
CA HIS A 283 8.22 24.76 32.74
C HIS A 283 9.56 24.96 33.45
N ASN A 284 9.75 24.28 34.57
CA ASN A 284 11.01 24.33 35.31
C ASN A 284 12.19 23.96 34.42
N GLN A 285 13.24 24.77 34.46
CA GLN A 285 14.39 24.62 33.58
C GLN A 285 15.07 23.26 33.73
N ALA A 286 15.35 22.87 34.97
CA ALA A 286 16.01 21.59 35.24
C ALA A 286 15.17 20.42 34.76
N THR A 287 13.85 20.53 34.90
CA THR A 287 12.92 19.52 34.44
C THR A 287 12.99 19.36 32.93
N ILE A 288 13.05 20.49 32.23
CA ILE A 288 13.14 20.49 30.77
C ILE A 288 14.43 19.82 30.30
N LEU A 289 15.54 20.17 30.94
CA LEU A 289 16.84 19.61 30.57
C LEU A 289 16.90 18.11 30.81
N ASP A 290 16.24 17.66 31.88
CA ASP A 290 16.23 16.25 32.22
C ASP A 290 15.34 15.47 31.25
N ALA A 291 14.34 16.15 30.72
CA ALA A 291 13.39 15.52 29.81
C ALA A 291 14.03 15.21 28.46
N VAL A 292 14.89 16.12 27.98
CA VAL A 292 15.60 15.90 26.73
C VAL A 292 16.59 14.75 26.91
N LYS A 293 17.22 14.71 28.08
CA LYS A 293 18.13 13.61 28.44
C LYS A 293 17.40 12.28 28.37
N TRP A 294 16.17 12.25 28.88
CA TRP A 294 15.30 11.09 28.74
C TRP A 294 15.00 10.80 27.28
N ALA A 295 14.82 11.86 26.50
CA ALA A 295 14.44 11.74 25.10
C ALA A 295 15.55 11.14 24.26
N ASN A 296 16.78 11.56 24.52
CA ASN A 296 17.95 10.99 23.85
C ASN A 296 18.10 9.52 24.18
N GLY A 297 17.77 9.14 25.41
CA GLY A 297 17.87 7.76 25.85
C GLY A 297 16.88 6.84 25.15
N CYS A 298 15.62 7.26 25.11
CA CYS A 298 14.58 6.46 24.47
C CYS A 298 14.74 6.44 22.96
N GLY A 299 15.29 7.51 22.40
CA GLY A 299 15.49 7.62 20.97
C GLY A 299 16.50 6.62 20.45
N ALA A 300 17.65 6.56 21.13
CA ALA A 300 18.70 5.64 20.73
C ALA A 300 18.30 4.19 20.94
N LEU A 301 17.58 3.93 22.04
CA LEU A 301 17.19 2.58 22.41
C LEU A 301 16.26 1.92 21.39
N ALA A 302 15.40 2.72 20.77
CA ALA A 302 14.44 2.21 19.81
C ALA A 302 15.14 1.72 18.53
N THR A 303 16.37 2.17 18.34
CA THR A 303 17.15 1.79 17.16
C THR A 303 17.99 0.55 17.43
N THR A 304 17.45 -0.39 18.21
CA THR A 304 18.20 -1.60 18.53
C THR A 304 17.41 -2.86 18.18
N GLN A 305 16.18 -2.66 17.70
CA GLN A 305 15.36 -3.76 17.21
C GLN A 305 14.64 -3.31 15.95
N LYS A 306 14.08 -4.27 15.21
CA LYS A 306 13.30 -3.93 14.03
C LYS A 306 11.85 -3.66 14.42
N GLY A 307 11.35 -2.51 13.98
CA GLY A 307 10.02 -2.07 14.38
C GLY A 307 10.13 -0.86 15.28
N ALA A 308 9.15 0.03 15.17
CA ALA A 308 9.20 1.29 15.88
C ALA A 308 9.03 1.11 17.39
N MET A 309 8.12 0.22 17.77
CA MET A 309 7.76 0.05 19.18
C MET A 309 8.60 -1.01 19.88
N THR A 310 9.14 -1.94 19.09
CA THR A 310 9.73 -3.17 19.62
C THR A 310 10.80 -2.97 20.69
N ALA A 311 11.51 -1.85 20.64
CA ALA A 311 12.59 -1.61 21.60
C ALA A 311 12.31 -0.42 22.53
N LEU A 312 11.05 -0.01 22.61
CA LEU A 312 10.68 1.07 23.52
C LEU A 312 10.80 0.58 24.96
N PRO A 313 11.69 1.21 25.74
CA PRO A 313 12.11 0.73 27.06
C PRO A 313 11.14 1.07 28.20
N ASN A 314 11.16 0.24 29.24
CA ASN A 314 10.52 0.59 30.50
C ASN A 314 11.48 1.44 31.31
N GLN A 315 11.04 1.88 32.49
CA GLN A 315 11.88 2.76 33.30
C GLN A 315 13.19 2.08 33.70
N ALA A 316 13.13 0.81 34.07
CA ALA A 316 14.30 0.06 34.49
C ALA A 316 15.35 0.01 33.37
N ALA A 317 14.90 -0.27 32.15
CA ALA A 317 15.81 -0.36 31.00
C ALA A 317 16.41 1.00 30.68
N LEU A 318 15.59 2.04 30.76
CA LEU A 318 16.03 3.39 30.42
C LEU A 318 17.02 3.95 31.45
N TYR A 319 16.75 3.70 32.73
CA TYR A 319 17.68 4.11 33.79
C TYR A 319 19.01 3.39 33.66
N ALA A 320 18.96 2.14 33.21
CA ALA A 320 20.16 1.33 33.08
C ALA A 320 21.05 1.84 31.95
N PHE A 321 20.42 2.40 30.92
CA PHE A 321 21.16 2.92 29.77
C PHE A 321 21.77 4.29 30.08
N LEU A 322 21.06 5.08 30.88
CA LEU A 322 21.50 6.43 31.22
C LEU A 322 22.58 6.45 32.29
N GLU A 323 22.48 5.52 33.23
CA GLU A 323 23.29 5.53 34.45
C GLU A 323 24.79 5.65 34.20
N SER B 17 13.02 -13.80 -34.62
CA SER B 17 12.15 -13.99 -33.47
C SER B 17 10.68 -13.90 -33.87
N MET B 18 10.20 -12.67 -34.02
CA MET B 18 8.89 -12.36 -34.62
C MET B 18 7.66 -12.77 -33.80
N SER B 19 7.62 -14.00 -33.29
CA SER B 19 6.49 -14.43 -32.47
C SER B 19 6.52 -13.75 -31.11
N ARG B 20 5.39 -13.22 -30.67
CA ARG B 20 5.33 -12.47 -29.42
C ARG B 20 3.93 -12.25 -28.90
N VAL B 21 3.75 -12.37 -27.59
CA VAL B 21 2.49 -12.07 -26.93
C VAL B 21 2.64 -10.89 -25.98
N TRP B 22 1.91 -9.82 -26.25
CA TRP B 22 1.88 -8.65 -25.36
C TRP B 22 0.85 -8.82 -24.27
N LEU B 23 1.21 -8.45 -23.05
CA LEU B 23 0.30 -8.52 -21.92
C LEU B 23 0.24 -7.20 -21.16
N THR B 24 -0.95 -6.85 -20.68
CA THR B 24 -1.16 -5.56 -20.05
C THR B 24 -2.20 -5.65 -18.95
N GLY B 25 -2.11 -4.76 -17.97
CA GLY B 25 -3.06 -4.73 -16.88
C GLY B 25 -2.42 -4.58 -15.51
N ASP B 26 -2.99 -5.24 -14.52
CA ASP B 26 -2.57 -5.04 -13.13
C ASP B 26 -1.49 -6.02 -12.68
N ALA B 27 -0.29 -5.49 -12.44
CA ALA B 27 0.75 -6.25 -11.76
C ALA B 27 0.52 -6.13 -10.26
N VAL B 28 0.39 -7.27 -9.59
CA VAL B 28 -0.03 -7.27 -8.19
C VAL B 28 0.91 -8.05 -7.26
N VAL B 29 1.24 -7.43 -6.13
CA VAL B 29 2.01 -8.11 -5.10
C VAL B 29 1.08 -8.65 -4.02
N ASP B 30 1.10 -9.97 -3.84
CA ASP B 30 0.30 -10.63 -2.81
C ASP B 30 1.11 -10.81 -1.52
N LEU B 31 0.53 -10.39 -0.41
CA LEU B 31 1.17 -10.56 0.90
C LEU B 31 0.51 -11.68 1.71
N ILE B 32 1.20 -12.80 1.85
CA ILE B 32 0.64 -13.98 2.51
C ILE B 32 1.20 -14.15 3.93
N PRO B 33 0.31 -14.42 4.91
CA PRO B 33 0.76 -14.65 6.28
C PRO B 33 1.70 -15.82 6.39
N ASP B 34 2.96 -15.54 6.72
CA ASP B 34 3.96 -16.58 6.90
C ASP B 34 4.03 -17.01 8.35
N GLY B 35 2.88 -17.36 8.92
CA GLY B 35 2.79 -17.72 10.31
C GLY B 35 2.32 -16.55 11.17
N GLN B 36 3.27 -15.90 11.83
CA GLN B 36 2.93 -14.75 12.67
C GLN B 36 4.02 -13.67 12.59
N GLN B 37 3.57 -12.42 12.49
CA GLN B 37 4.45 -11.26 12.37
C GLN B 37 5.33 -11.30 11.12
N HIS B 38 4.90 -12.05 10.12
CA HIS B 38 5.67 -12.14 8.87
C HIS B 38 4.75 -12.30 7.67
N TYR B 39 4.99 -11.52 6.63
CA TYR B 39 4.30 -11.68 5.37
C TYR B 39 5.26 -12.19 4.31
N LEU B 40 4.77 -13.07 3.45
CA LEU B 40 5.57 -13.55 2.32
C LEU B 40 5.24 -12.73 1.08
N LYS B 41 6.26 -12.27 0.38
CA LYS B 41 6.06 -11.55 -0.88
C LYS B 41 5.85 -12.52 -2.04
N CYS B 42 4.67 -12.43 -2.66
CA CYS B 42 4.34 -13.30 -3.79
C CYS B 42 3.84 -12.48 -4.97
N PRO B 43 4.54 -12.57 -6.12
CA PRO B 43 4.13 -11.86 -7.33
C PRO B 43 2.83 -12.40 -7.90
N GLY B 44 1.92 -11.52 -8.28
CA GLY B 44 0.64 -11.95 -8.81
C GLY B 44 0.06 -10.96 -9.81
N GLY B 45 -1.24 -11.07 -10.03
CA GLY B 45 -1.92 -10.29 -11.05
C GLY B 45 -2.03 -11.14 -12.31
N ALA B 46 -3.27 -11.32 -12.77
CA ALA B 46 -3.56 -12.17 -13.92
C ALA B 46 -2.72 -11.86 -15.17
N PRO B 47 -2.57 -10.58 -15.55
CA PRO B 47 -1.73 -10.35 -16.74
C PRO B 47 -0.28 -10.80 -16.57
N ALA B 48 0.26 -10.62 -15.37
CA ALA B 48 1.64 -11.02 -15.09
C ALA B 48 1.77 -12.52 -14.94
N ASN B 49 0.71 -13.16 -14.45
CA ASN B 49 0.67 -14.60 -14.32
C ASN B 49 0.72 -15.30 -15.69
N VAL B 50 -0.06 -14.78 -16.62
CA VAL B 50 -0.09 -15.31 -17.97
C VAL B 50 1.24 -15.01 -18.68
N ALA B 51 1.76 -13.81 -18.43
CA ALA B 51 3.03 -13.39 -19.02
C ALA B 51 4.18 -14.31 -18.61
N VAL B 52 4.18 -14.70 -17.35
CA VAL B 52 5.21 -15.59 -16.81
C VAL B 52 4.99 -17.02 -17.30
N ALA B 53 3.73 -17.41 -17.42
CA ALA B 53 3.39 -18.74 -17.88
C ALA B 53 3.92 -19.00 -19.28
N ILE B 54 3.76 -18.01 -20.16
CA ILE B 54 4.25 -18.09 -21.53
C ILE B 54 5.77 -18.18 -21.59
N ALA B 55 6.43 -17.36 -20.79
CA ALA B 55 7.88 -17.31 -20.80
C ALA B 55 8.49 -18.58 -20.22
N ARG B 56 7.72 -19.29 -19.41
CA ARG B 56 8.17 -20.54 -18.82
C ARG B 56 8.10 -21.68 -19.83
N LEU B 57 7.32 -21.47 -20.89
CA LEU B 57 7.26 -22.43 -21.98
C LEU B 57 8.30 -22.09 -23.03
N SER B 58 9.23 -21.20 -22.66
CA SER B 58 10.27 -20.68 -23.53
C SER B 58 9.68 -19.78 -24.62
N GLY B 59 8.48 -19.29 -24.37
CA GLY B 59 7.82 -18.39 -25.30
C GLY B 59 8.25 -16.95 -25.11
N ARG B 60 8.05 -16.14 -26.14
CA ARG B 60 8.40 -14.74 -26.09
C ARG B 60 7.23 -13.91 -25.58
N SER B 61 7.34 -13.42 -24.36
CA SER B 61 6.28 -12.62 -23.75
C SER B 61 6.80 -11.28 -23.31
N ALA B 62 5.99 -10.25 -23.49
CA ALA B 62 6.36 -8.90 -23.09
C ALA B 62 5.19 -8.24 -22.38
N PHE B 63 5.51 -7.40 -21.40
CA PHE B 63 4.49 -6.74 -20.60
C PHE B 63 4.59 -5.22 -20.71
N PHE B 64 3.49 -4.58 -21.00
CA PHE B 64 3.42 -3.13 -20.90
C PHE B 64 2.27 -2.73 -20.00
N GLY B 65 2.49 -1.70 -19.18
CA GLY B 65 1.50 -1.27 -18.22
C GLY B 65 2.10 -0.30 -17.22
N ARG B 66 1.37 -0.04 -16.14
CA ARG B 66 1.80 0.94 -15.17
C ARG B 66 1.75 0.42 -13.74
N VAL B 67 2.88 0.47 -13.06
CA VAL B 67 2.93 0.25 -11.63
C VAL B 67 3.40 1.53 -10.97
N GLY B 68 3.53 1.50 -9.65
CA GLY B 68 3.99 2.66 -8.91
C GLY B 68 5.50 2.64 -8.71
N ASN B 69 6.09 3.83 -8.63
CA ASN B 69 7.51 3.92 -8.35
C ASN B 69 7.78 3.58 -6.89
N ASP B 70 7.51 2.33 -6.53
CA ASP B 70 7.57 1.88 -5.15
C ASP B 70 8.23 0.51 -5.10
N PRO B 71 8.65 0.06 -3.89
CA PRO B 71 9.30 -1.26 -3.78
C PRO B 71 8.48 -2.41 -4.38
N PHE B 72 7.16 -2.39 -4.21
CA PHE B 72 6.30 -3.43 -4.77
C PHE B 72 6.32 -3.41 -6.30
N GLY B 73 6.36 -2.22 -6.88
CA GLY B 73 6.48 -2.06 -8.31
C GLY B 73 7.82 -2.59 -8.78
N ARG B 74 8.87 -2.30 -8.03
CA ARG B 74 10.21 -2.77 -8.35
C ARG B 74 10.31 -4.29 -8.19
N PHE B 75 9.51 -4.84 -7.29
CA PHE B 75 9.47 -6.27 -7.09
C PHE B 75 8.93 -6.97 -8.32
N MET B 76 7.92 -6.36 -8.93
CA MET B 76 7.32 -6.92 -10.14
C MET B 76 8.23 -6.77 -11.34
N GLN B 77 8.96 -5.65 -11.39
CA GLN B 77 9.94 -5.43 -12.46
C GLN B 77 11.04 -6.47 -12.39
N GLN B 78 11.52 -6.73 -11.18
CA GLN B 78 12.57 -7.71 -10.96
C GLN B 78 12.08 -9.12 -11.25
N THR B 79 10.90 -9.43 -10.75
CA THR B 79 10.28 -10.74 -10.92
C THR B 79 10.10 -11.07 -12.41
N LEU B 80 9.55 -10.12 -13.17
CA LEU B 80 9.29 -10.33 -14.58
C LEU B 80 10.56 -10.49 -15.40
N THR B 81 11.58 -9.70 -15.07
CA THR B 81 12.88 -9.80 -15.73
C THR B 81 13.51 -11.16 -15.45
N ASP B 82 13.41 -11.62 -14.21
CA ASP B 82 13.91 -12.93 -13.81
C ASP B 82 13.20 -14.04 -14.57
N GLU B 83 11.89 -13.86 -14.80
CA GLU B 83 11.08 -14.83 -15.50
C GLU B 83 11.17 -14.64 -17.01
N GLN B 84 12.10 -13.79 -17.44
CA GLN B 84 12.38 -13.55 -18.84
C GLN B 84 11.20 -12.95 -19.60
N VAL B 85 10.35 -12.22 -18.89
CA VAL B 85 9.30 -11.43 -19.52
C VAL B 85 9.85 -10.04 -19.79
N ASP B 86 9.77 -9.60 -21.05
CA ASP B 86 10.21 -8.25 -21.40
C ASP B 86 9.30 -7.22 -20.74
N CYS B 87 9.89 -6.36 -19.92
CA CYS B 87 9.13 -5.32 -19.24
C CYS B 87 9.77 -3.96 -19.47
N GLN B 88 10.32 -3.77 -20.66
CA GLN B 88 10.92 -2.50 -21.05
C GLN B 88 9.86 -1.40 -21.10
N HIS B 89 8.62 -1.80 -21.38
CA HIS B 89 7.51 -0.86 -21.45
C HIS B 89 6.69 -0.85 -20.17
N LEU B 90 7.33 -1.20 -19.06
CA LEU B 90 6.69 -1.10 -17.75
C LEU B 90 7.01 0.26 -17.14
N HIS B 91 5.96 1.00 -16.79
CA HIS B 91 6.13 2.36 -16.29
C HIS B 91 5.92 2.45 -14.78
N PHE B 92 6.61 3.41 -14.16
CA PHE B 92 6.55 3.58 -12.71
C PHE B 92 5.99 4.94 -12.35
N ASP B 93 4.72 4.97 -11.99
CA ASP B 93 4.04 6.20 -11.62
C ASP B 93 4.64 6.77 -10.34
N PRO B 94 5.10 8.03 -10.39
CA PRO B 94 5.70 8.68 -9.22
C PRO B 94 4.71 8.97 -8.10
N VAL B 95 3.42 8.91 -8.40
CA VAL B 95 2.40 9.28 -7.43
C VAL B 95 1.55 8.10 -7.00
N HIS B 96 0.91 7.44 -7.97
CA HIS B 96 0.04 6.31 -7.69
C HIS B 96 0.83 5.07 -7.30
N ARG B 97 0.18 4.13 -6.60
CA ARG B 97 0.88 2.99 -6.03
C ARG B 97 0.47 1.65 -6.63
N THR B 98 1.43 0.72 -6.64
CA THR B 98 1.23 -0.63 -7.15
C THR B 98 0.19 -1.40 -6.35
N SER B 99 -0.70 -2.08 -7.07
CA SER B 99 -1.77 -2.87 -6.47
C SER B 99 -1.23 -3.89 -5.47
N THR B 100 -1.79 -3.88 -4.26
CA THR B 100 -1.30 -4.72 -3.18
C THR B 100 -2.43 -5.44 -2.46
N VAL B 101 -2.34 -6.76 -2.41
CA VAL B 101 -3.35 -7.57 -1.73
C VAL B 101 -2.81 -8.20 -0.45
N VAL B 102 -3.62 -8.14 0.60
CA VAL B 102 -3.30 -8.80 1.85
C VAL B 102 -4.37 -9.83 2.17
N VAL B 103 -3.99 -11.10 2.24
CA VAL B 103 -4.95 -12.15 2.57
C VAL B 103 -4.96 -12.39 4.07
N ASP B 104 -6.14 -12.69 4.60
CA ASP B 104 -6.34 -12.76 6.05
C ASP B 104 -7.00 -14.09 6.45
N LEU B 105 -6.77 -14.50 7.70
CA LEU B 105 -7.24 -15.80 8.16
C LEU B 105 -8.38 -15.69 9.17
N ASP B 106 -9.31 -16.64 9.08
CA ASP B 106 -10.50 -16.68 9.93
C ASP B 106 -10.18 -17.16 11.34
N GLU B 107 -11.23 -17.33 12.14
CA GLU B 107 -11.12 -18.07 13.40
C GLU B 107 -10.88 -19.53 13.05
N HIS B 108 -11.37 -19.91 11.87
CA HIS B 108 -11.26 -21.29 11.39
C HIS B 108 -10.13 -21.44 10.37
N GLY B 109 -9.36 -20.36 10.20
CA GLY B 109 -8.23 -20.39 9.30
C GLY B 109 -8.60 -20.41 7.83
N GLU B 110 -9.77 -19.88 7.51
CA GLU B 110 -10.21 -19.80 6.13
C GLU B 110 -9.86 -18.46 5.53
N ARG B 111 -9.32 -18.48 4.31
CA ARG B 111 -8.77 -17.30 3.66
C ARG B 111 -9.79 -16.20 3.37
N SER B 112 -9.31 -14.97 3.42
CA SER B 112 -10.02 -13.80 2.93
C SER B 112 -8.99 -12.76 2.55
N PHE B 113 -9.23 -12.05 1.45
CA PHE B 113 -8.23 -11.09 0.98
C PHE B 113 -8.80 -9.68 0.83
N THR B 114 -7.95 -8.68 1.03
CA THR B 114 -8.37 -7.29 1.00
C THR B 114 -7.47 -6.44 0.11
N PHE B 115 -8.07 -5.78 -0.88
CA PHE B 115 -7.37 -4.82 -1.72
C PHE B 115 -6.92 -3.62 -0.90
N MET B 116 -5.63 -3.34 -0.90
CA MET B 116 -5.08 -2.30 -0.04
C MET B 116 -5.03 -0.94 -0.73
N VAL B 117 -4.87 -0.95 -2.04
CA VAL B 117 -4.74 0.30 -2.79
C VAL B 117 -5.84 0.44 -3.84
N LYS B 118 -6.67 1.47 -3.67
CA LYS B 118 -7.74 1.73 -4.62
C LYS B 118 -7.95 3.22 -4.83
N PRO B 119 -7.81 3.68 -6.09
CA PRO B 119 -7.40 2.86 -7.24
C PRO B 119 -5.89 2.78 -7.37
N SER B 120 -5.39 1.67 -7.91
CA SER B 120 -3.96 1.48 -8.07
C SER B 120 -3.44 2.08 -9.37
N ALA B 121 -2.12 2.12 -9.51
CA ALA B 121 -1.45 2.80 -10.61
C ALA B 121 -1.84 2.27 -11.99
N ASP B 122 -2.19 0.98 -12.06
CA ASP B 122 -2.55 0.36 -13.33
C ASP B 122 -3.79 1.00 -13.96
N GLN B 123 -4.61 1.63 -13.14
CA GLN B 123 -5.82 2.27 -13.61
C GLN B 123 -5.54 3.59 -14.33
N PHE B 124 -4.29 4.02 -14.29
CA PHE B 124 -3.90 5.29 -14.92
C PHE B 124 -3.00 5.06 -16.13
N LEU B 125 -3.19 3.92 -16.79
CA LEU B 125 -2.49 3.60 -18.01
C LEU B 125 -2.74 4.68 -19.06
N GLN B 126 -1.67 5.23 -19.62
CA GLN B 126 -1.79 6.32 -20.57
C GLN B 126 -1.60 5.86 -22.01
N LEU B 127 -2.01 6.70 -22.95
CA LEU B 127 -1.88 6.40 -24.37
C LEU B 127 -0.41 6.27 -24.77
N SER B 128 0.45 7.03 -24.09
CA SER B 128 1.88 7.01 -24.36
C SER B 128 2.58 5.82 -23.70
N ASP B 129 1.83 5.00 -22.98
CA ASP B 129 2.40 3.80 -22.38
C ASP B 129 2.36 2.64 -23.37
N ILE B 130 1.53 2.81 -24.40
CA ILE B 130 1.34 1.79 -25.42
C ILE B 130 2.52 1.71 -26.38
N PRO B 131 3.12 0.51 -26.48
CA PRO B 131 4.27 0.28 -27.36
C PRO B 131 3.87 0.07 -28.81
N SER B 132 4.85 0.13 -29.71
CA SER B 132 4.60 -0.21 -31.11
C SER B 132 4.30 -1.69 -31.27
N PHE B 133 3.26 -2.00 -32.04
CA PHE B 133 2.87 -3.37 -32.30
C PHE B 133 3.25 -3.80 -33.70
N GLN B 134 3.53 -5.09 -33.87
CA GLN B 134 3.88 -5.62 -35.17
C GLN B 134 2.89 -6.69 -35.63
N LYS B 135 2.82 -6.88 -36.94
CA LYS B 135 1.91 -7.86 -37.53
C LYS B 135 2.18 -9.25 -36.99
N GLY B 136 1.12 -9.96 -36.63
CA GLY B 136 1.25 -11.34 -36.17
C GLY B 136 1.46 -11.49 -34.67
N GLU B 137 1.41 -10.39 -33.94
CA GLU B 137 1.57 -10.44 -32.49
C GLU B 137 0.23 -10.56 -31.81
N TRP B 138 0.24 -10.96 -30.54
CA TRP B 138 -0.97 -11.12 -29.76
C TRP B 138 -1.05 -10.11 -28.61
N LEU B 139 -2.28 -9.78 -28.21
CA LEU B 139 -2.52 -8.88 -27.09
C LEU B 139 -3.60 -9.47 -26.19
N HIS B 140 -3.30 -9.64 -24.92
CA HIS B 140 -4.24 -10.22 -23.97
C HIS B 140 -4.71 -9.21 -22.94
N VAL B 141 -6.01 -9.19 -22.68
CA VAL B 141 -6.62 -8.17 -21.83
C VAL B 141 -7.58 -8.78 -20.82
N CYS B 142 -7.54 -8.28 -19.59
CA CYS B 142 -8.52 -8.65 -18.58
C CYS B 142 -9.43 -7.47 -18.26
N SER B 143 -10.57 -7.75 -17.62
CA SER B 143 -11.60 -6.74 -17.39
C SER B 143 -11.19 -5.62 -16.44
N ILE B 144 -10.24 -5.91 -15.54
CA ILE B 144 -9.78 -4.93 -14.57
C ILE B 144 -9.20 -3.70 -15.28
N ALA B 145 -8.61 -3.92 -16.44
CA ALA B 145 -8.04 -2.84 -17.23
C ALA B 145 -9.15 -1.93 -17.79
N LEU B 146 -10.38 -2.45 -17.81
CA LEU B 146 -11.50 -1.72 -18.39
C LEU B 146 -12.39 -1.09 -17.32
N ALA B 147 -11.94 -1.14 -16.08
CA ALA B 147 -12.74 -0.68 -14.95
C ALA B 147 -12.92 0.83 -14.94
N ASN B 148 -11.81 1.57 -14.98
CA ASN B 148 -11.84 3.03 -14.90
C ASN B 148 -10.93 3.69 -15.93
N GLN B 149 -11.08 5.01 -16.05
CA GLN B 149 -10.24 5.80 -16.94
C GLN B 149 -9.02 6.31 -16.16
N PRO B 150 -7.90 6.59 -16.87
CA PRO B 150 -7.71 6.51 -18.32
C PRO B 150 -7.41 5.10 -18.83
N SER B 151 -7.36 4.11 -17.95
CA SER B 151 -6.99 2.75 -18.35
C SER B 151 -8.01 2.14 -19.31
N ARG B 152 -9.29 2.41 -19.06
CA ARG B 152 -10.36 1.90 -19.91
C ARG B 152 -10.19 2.32 -21.36
N SER B 153 -9.96 3.61 -21.58
CA SER B 153 -9.83 4.12 -22.95
C SER B 153 -8.46 3.80 -23.54
N SER B 154 -7.44 3.78 -22.70
CA SER B 154 -6.09 3.44 -23.15
C SER B 154 -6.01 1.99 -23.62
N THR B 155 -6.69 1.10 -22.92
CA THR B 155 -6.64 -0.33 -23.25
C THR B 155 -7.39 -0.61 -24.56
N PHE B 156 -8.54 0.03 -24.73
CA PHE B 156 -9.30 -0.13 -25.97
C PHE B 156 -8.53 0.41 -27.16
N ALA B 157 -7.76 1.46 -26.93
CA ALA B 157 -6.92 2.03 -27.99
C ALA B 157 -5.80 1.05 -28.35
N ALA B 158 -5.27 0.36 -27.35
CA ALA B 158 -4.23 -0.63 -27.56
C ALA B 158 -4.78 -1.78 -28.41
N ILE B 159 -6.02 -2.14 -28.14
CA ILE B 159 -6.72 -3.18 -28.87
C ILE B 159 -6.87 -2.81 -30.35
N ALA B 160 -7.35 -1.59 -30.59
CA ALA B 160 -7.58 -1.11 -31.95
C ALA B 160 -6.29 -1.08 -32.76
N GLN B 161 -5.21 -0.64 -32.14
CA GLN B 161 -3.92 -0.55 -32.81
C GLN B 161 -3.33 -1.91 -33.13
N MET B 162 -3.51 -2.87 -32.22
CA MET B 162 -3.01 -4.22 -32.43
C MET B 162 -3.68 -4.84 -33.66
N LYS B 163 -4.97 -4.62 -33.79
CA LYS B 163 -5.73 -5.16 -34.91
C LYS B 163 -5.41 -4.45 -36.21
N GLU B 164 -5.24 -3.14 -36.14
CA GLU B 164 -4.98 -2.31 -37.31
C GLU B 164 -3.69 -2.71 -38.01
N VAL B 165 -2.71 -3.18 -37.24
CA VAL B 165 -1.42 -3.55 -37.79
C VAL B 165 -1.39 -5.04 -38.15
N GLY B 166 -2.51 -5.70 -37.93
CA GLY B 166 -2.63 -7.10 -38.29
C GLY B 166 -2.22 -8.06 -37.17
N GLY B 167 -2.57 -7.70 -35.94
CA GLY B 167 -2.32 -8.55 -34.80
C GLY B 167 -3.61 -9.18 -34.30
N TYR B 168 -3.51 -9.95 -33.22
CA TYR B 168 -4.68 -10.63 -32.68
C TYR B 168 -4.92 -10.31 -31.21
N VAL B 169 -6.18 -10.34 -30.80
CA VAL B 169 -6.58 -9.94 -29.45
C VAL B 169 -7.34 -11.05 -28.72
N SER B 170 -6.85 -11.43 -27.54
CA SER B 170 -7.55 -12.36 -26.68
C SER B 170 -8.07 -11.64 -25.46
N PHE B 171 -9.14 -12.16 -24.87
CA PHE B 171 -9.76 -11.51 -23.72
C PHE B 171 -10.24 -12.50 -22.66
N ASP B 172 -9.87 -12.24 -21.42
CA ASP B 172 -10.30 -13.05 -20.29
C ASP B 172 -10.84 -12.15 -19.19
N PRO B 173 -12.18 -12.06 -19.08
CA PRO B 173 -12.84 -11.16 -18.14
C PRO B 173 -12.82 -11.64 -16.69
N ASN B 174 -11.64 -11.68 -16.07
CA ASN B 174 -11.55 -11.95 -14.63
C ASN B 174 -12.25 -10.86 -13.85
N LEU B 175 -13.58 -10.82 -13.94
CA LEU B 175 -14.35 -9.68 -13.48
C LEU B 175 -14.47 -9.63 -11.96
N ARG B 176 -14.26 -8.44 -11.42
CA ARG B 176 -14.42 -8.17 -10.00
C ARG B 176 -15.05 -6.79 -9.83
N GLU B 177 -16.29 -6.75 -9.36
CA GLU B 177 -17.04 -5.50 -9.24
C GLU B 177 -16.33 -4.45 -8.40
N GLU B 178 -15.46 -4.91 -7.52
CA GLU B 178 -14.74 -4.05 -6.59
C GLU B 178 -14.09 -2.82 -7.22
N VAL B 179 -13.13 -3.06 -8.11
CA VAL B 179 -12.28 -2.01 -8.67
C VAL B 179 -13.03 -0.92 -9.42
N TRP B 180 -14.28 -1.20 -9.78
CA TRP B 180 -15.07 -0.27 -10.59
C TRP B 180 -15.71 0.83 -9.75
N SER B 181 -15.47 2.07 -10.15
CA SER B 181 -16.13 3.19 -9.52
C SER B 181 -17.58 3.26 -9.95
N GLU B 182 -17.87 2.67 -11.10
CA GLU B 182 -19.23 2.61 -11.64
C GLU B 182 -19.56 1.22 -12.12
N PRO B 183 -19.99 0.34 -11.19
CA PRO B 183 -20.30 -1.06 -11.53
C PRO B 183 -21.35 -1.26 -12.62
N GLN B 184 -22.18 -0.25 -12.86
CA GLN B 184 -23.27 -0.37 -13.84
C GLN B 184 -22.71 -0.48 -15.25
N GLU B 185 -21.54 0.09 -15.46
CA GLU B 185 -20.94 0.15 -16.79
C GLU B 185 -20.24 -1.16 -17.16
N LEU B 186 -20.32 -2.16 -16.29
CA LEU B 186 -19.58 -3.40 -16.47
C LEU B 186 -20.11 -4.29 -17.59
N GLN B 187 -21.39 -4.63 -17.49
CA GLN B 187 -22.03 -5.52 -18.46
C GLN B 187 -21.85 -5.02 -19.89
N ALA B 188 -21.88 -3.71 -20.05
CA ALA B 188 -21.77 -3.09 -21.37
C ALA B 188 -20.31 -2.97 -21.82
N THR B 189 -19.42 -2.65 -20.89
CA THR B 189 -18.02 -2.46 -21.22
C THR B 189 -17.31 -3.77 -21.56
N VAL B 190 -17.62 -4.82 -20.80
CA VAL B 190 -16.99 -6.11 -21.02
C VAL B 190 -17.51 -6.77 -22.29
N MET B 191 -18.83 -6.76 -22.48
CA MET B 191 -19.43 -7.29 -23.70
C MET B 191 -18.96 -6.52 -24.92
N ARG B 192 -18.54 -5.28 -24.71
CA ARG B 192 -17.94 -4.47 -25.77
C ARG B 192 -16.60 -5.06 -26.16
N ALA B 193 -15.81 -5.43 -25.16
CA ALA B 193 -14.50 -6.03 -25.39
C ALA B 193 -14.63 -7.39 -26.08
N VAL B 194 -15.64 -8.16 -25.66
CA VAL B 194 -15.91 -9.47 -26.25
C VAL B 194 -16.14 -9.36 -27.75
N GLY B 195 -16.78 -8.27 -28.15
CA GLY B 195 -17.10 -8.04 -29.56
C GLY B 195 -15.87 -7.78 -30.41
N LEU B 196 -14.81 -7.25 -29.80
CA LEU B 196 -13.62 -6.89 -30.55
C LEU B 196 -12.50 -7.93 -30.43
N ALA B 197 -12.79 -9.02 -29.73
CA ALA B 197 -11.76 -10.02 -29.45
C ALA B 197 -11.74 -11.15 -30.48
N ASP B 198 -10.54 -11.64 -30.77
CA ASP B 198 -10.39 -12.81 -31.63
C ASP B 198 -10.63 -14.09 -30.81
N VAL B 199 -10.11 -14.09 -29.58
CA VAL B 199 -10.30 -15.22 -28.67
C VAL B 199 -10.87 -14.74 -27.34
N VAL B 200 -11.92 -15.41 -26.87
CA VAL B 200 -12.50 -15.05 -25.58
C VAL B 200 -12.58 -16.27 -24.67
N LYS B 201 -12.01 -16.14 -23.48
CA LYS B 201 -12.02 -17.21 -22.49
C LYS B 201 -13.09 -16.94 -21.43
N PHE B 202 -14.06 -17.83 -21.34
CA PHE B 202 -15.14 -17.70 -20.37
C PHE B 202 -15.09 -18.78 -19.29
N SER B 203 -15.25 -18.39 -18.03
CA SER B 203 -15.54 -19.35 -16.99
C SER B 203 -17.02 -19.70 -17.13
N GLU B 204 -17.43 -20.84 -16.56
CA GLU B 204 -18.80 -21.30 -16.71
C GLU B 204 -19.80 -20.28 -16.18
N GLU B 205 -19.56 -19.79 -14.97
CA GLU B 205 -20.42 -18.79 -14.36
C GLU B 205 -20.25 -17.43 -15.02
N GLU B 206 -19.07 -17.19 -15.59
CA GLU B 206 -18.78 -15.93 -16.26
C GLU B 206 -19.63 -15.76 -17.51
N LEU B 207 -19.70 -16.80 -18.32
CA LEU B 207 -20.58 -16.82 -19.49
C LEU B 207 -22.03 -16.61 -19.06
N GLN B 208 -22.36 -17.15 -17.90
CA GLN B 208 -23.71 -17.10 -17.37
C GLN B 208 -24.09 -15.69 -16.92
N PHE B 209 -23.20 -15.10 -16.12
CA PHE B 209 -23.42 -13.80 -15.48
C PHE B 209 -23.99 -12.74 -16.44
N LEU B 210 -23.60 -12.83 -17.71
CA LEU B 210 -24.22 -11.99 -18.73
C LEU B 210 -25.55 -12.61 -19.17
N THR B 211 -26.46 -12.74 -18.22
CA THR B 211 -27.79 -13.33 -18.45
C THR B 211 -27.71 -14.76 -18.98
N GLY B 212 -27.50 -15.71 -18.07
CA GLY B 212 -27.42 -17.11 -18.46
C GLY B 212 -28.72 -17.84 -18.20
N THR B 213 -29.18 -18.60 -19.19
CA THR B 213 -30.38 -19.40 -19.07
C THR B 213 -30.13 -20.67 -18.25
N GLN B 214 -29.31 -20.53 -17.21
CA GLN B 214 -28.89 -21.65 -16.35
C GLN B 214 -28.01 -22.68 -17.10
N SER B 215 -28.02 -22.61 -18.42
CA SER B 215 -27.21 -23.49 -19.24
C SER B 215 -26.20 -22.68 -20.04
N ILE B 216 -25.14 -23.34 -20.48
CA ILE B 216 -24.15 -22.70 -21.31
C ILE B 216 -24.63 -22.70 -22.77
N GLU B 217 -25.89 -23.11 -22.96
CA GLU B 217 -26.47 -23.25 -24.30
C GLU B 217 -26.82 -21.91 -24.94
N GLU B 218 -27.90 -21.29 -24.49
CA GLU B 218 -28.33 -20.01 -25.06
C GLU B 218 -27.39 -18.89 -24.62
N GLY B 219 -26.68 -19.12 -23.52
CA GLY B 219 -25.62 -18.23 -23.08
C GLY B 219 -24.59 -18.16 -24.18
N LEU B 220 -24.37 -19.29 -24.84
CA LEU B 220 -23.53 -19.36 -26.02
C LEU B 220 -24.28 -18.78 -27.21
N GLN B 221 -25.50 -19.28 -27.43
CA GLN B 221 -26.32 -18.88 -28.58
C GLN B 221 -26.47 -17.36 -28.70
N ALA B 222 -26.43 -16.68 -27.56
CA ALA B 222 -26.50 -15.23 -27.54
C ALA B 222 -25.34 -14.57 -28.30
N ILE B 223 -24.11 -14.90 -27.92
CA ILE B 223 -22.92 -14.24 -28.46
C ILE B 223 -22.70 -14.48 -29.95
N ALA B 224 -23.58 -15.25 -30.57
CA ALA B 224 -23.43 -15.69 -31.96
C ALA B 224 -23.21 -14.54 -32.94
N ASP B 225 -23.89 -13.41 -32.73
CA ASP B 225 -23.79 -12.28 -33.65
C ASP B 225 -22.41 -11.63 -33.56
N PHE B 226 -21.78 -11.72 -32.40
CA PHE B 226 -20.42 -11.20 -32.22
C PHE B 226 -19.46 -11.88 -33.18
N GLN B 227 -19.80 -13.11 -33.58
CA GLN B 227 -19.02 -13.87 -34.55
C GLN B 227 -17.57 -14.03 -34.12
N ILE B 228 -17.37 -14.28 -32.83
CA ILE B 228 -16.03 -14.49 -32.30
C ILE B 228 -15.38 -15.71 -32.91
N PRO B 229 -14.19 -15.52 -33.52
CA PRO B 229 -13.45 -16.62 -34.16
C PRO B 229 -13.23 -17.81 -33.25
N LEU B 230 -12.97 -17.56 -31.98
CA LEU B 230 -12.68 -18.63 -31.03
C LEU B 230 -13.18 -18.28 -29.63
N VAL B 231 -14.00 -19.15 -29.07
CA VAL B 231 -14.46 -19.00 -27.70
C VAL B 231 -14.14 -20.25 -26.92
N VAL B 232 -13.49 -20.10 -25.77
CA VAL B 232 -13.14 -21.23 -24.93
C VAL B 232 -13.78 -21.11 -23.55
N VAL B 233 -14.37 -22.21 -23.09
CA VAL B 233 -15.04 -22.22 -21.79
C VAL B 233 -14.51 -23.31 -20.87
N THR B 234 -14.01 -22.92 -19.70
CA THR B 234 -13.60 -23.86 -18.68
C THR B 234 -14.81 -24.61 -18.14
N LEU B 235 -14.61 -25.87 -17.77
CA LEU B 235 -15.71 -26.72 -17.32
C LEU B 235 -15.35 -27.51 -16.07
N GLY B 236 -14.57 -26.90 -15.18
CA GLY B 236 -14.17 -27.54 -13.94
C GLY B 236 -13.37 -28.81 -14.19
N ALA B 237 -14.05 -29.95 -14.18
CA ALA B 237 -13.40 -31.24 -14.41
C ALA B 237 -13.75 -31.81 -15.78
N LYS B 238 -14.83 -31.30 -16.36
CA LYS B 238 -15.29 -31.76 -17.67
C LYS B 238 -14.32 -31.31 -18.78
N GLY B 239 -13.37 -30.46 -18.42
CA GLY B 239 -12.30 -30.10 -19.33
C GLY B 239 -12.39 -28.69 -19.90
N ALA B 240 -12.70 -28.61 -21.19
CA ALA B 240 -12.76 -27.31 -21.86
C ALA B 240 -13.69 -27.36 -23.07
N LEU B 241 -14.70 -26.51 -23.06
CA LEU B 241 -15.61 -26.38 -24.18
C LEU B 241 -15.01 -25.46 -25.24
N VAL B 242 -14.84 -25.98 -26.45
CA VAL B 242 -14.25 -25.21 -27.54
C VAL B 242 -15.32 -24.84 -28.57
N ALA B 243 -15.46 -23.55 -28.84
CA ALA B 243 -16.52 -23.07 -29.74
C ALA B 243 -16.00 -22.25 -30.91
N THR B 244 -16.40 -22.66 -32.11
CA THR B 244 -16.12 -21.92 -33.33
C THR B 244 -17.45 -21.73 -34.03
N PRO B 245 -17.65 -20.59 -34.72
CA PRO B 245 -18.94 -20.35 -35.41
C PRO B 245 -19.39 -21.49 -36.31
N ASN B 246 -18.46 -22.29 -36.81
CA ASN B 246 -18.79 -23.48 -37.59
C ASN B 246 -19.08 -24.69 -36.71
N SER B 247 -18.15 -25.02 -35.83
CA SER B 247 -18.22 -26.28 -35.07
C SER B 247 -18.67 -26.10 -33.61
N GLN B 248 -18.48 -27.15 -32.82
CA GLN B 248 -18.76 -27.15 -31.39
C GLN B 248 -18.13 -28.42 -30.85
N GLN B 249 -17.33 -28.32 -29.80
CA GLN B 249 -16.51 -29.45 -29.40
C GLN B 249 -16.02 -29.36 -27.96
N ILE B 250 -15.84 -30.52 -27.33
CA ILE B 250 -15.28 -30.58 -25.98
C ILE B 250 -13.93 -31.29 -26.00
N VAL B 251 -12.92 -30.62 -25.46
CA VAL B 251 -11.59 -31.21 -25.35
C VAL B 251 -11.26 -31.52 -23.89
N SER B 252 -11.58 -32.73 -23.47
CA SER B 252 -11.33 -33.16 -22.10
C SER B 252 -9.84 -33.40 -21.86
N GLY B 253 -9.46 -33.49 -20.60
CA GLY B 253 -8.08 -33.77 -20.25
C GLY B 253 -7.83 -35.26 -20.14
N LYS B 254 -8.33 -36.00 -21.15
CA LYS B 254 -8.25 -37.46 -21.26
C LYS B 254 -7.45 -38.21 -20.21
N ALA B 255 -7.88 -38.13 -18.95
CA ALA B 255 -7.23 -38.82 -17.85
C ALA B 255 -8.17 -38.93 -16.67
N VAL B 256 -9.03 -39.96 -16.68
CA VAL B 256 -10.04 -40.24 -15.65
C VAL B 256 -10.65 -39.01 -14.98
N LYS B 257 -10.86 -37.95 -15.76
CA LYS B 257 -11.36 -36.67 -15.26
C LYS B 257 -10.51 -36.17 -14.09
N PRO B 258 -9.46 -35.41 -14.41
CA PRO B 258 -8.46 -34.91 -13.45
C PRO B 258 -9.05 -34.05 -12.34
N ILE B 259 -8.90 -32.74 -12.45
CA ILE B 259 -9.41 -31.81 -11.44
C ILE B 259 -9.84 -30.49 -12.06
N ASP B 260 -10.01 -29.48 -11.21
CA ASP B 260 -10.47 -28.17 -11.66
C ASP B 260 -9.30 -27.28 -12.08
N THR B 261 -9.56 -25.98 -12.16
CA THR B 261 -8.53 -25.01 -12.53
C THR B 261 -8.52 -23.84 -11.56
N THR B 262 -8.56 -24.15 -10.26
CA THR B 262 -8.56 -23.13 -9.22
C THR B 262 -7.24 -22.38 -9.18
N GLY B 263 -7.25 -21.16 -9.72
CA GLY B 263 -6.04 -20.35 -9.81
C GLY B 263 -5.18 -20.70 -11.01
N ALA B 264 -5.61 -21.73 -11.75
CA ALA B 264 -4.87 -22.19 -12.92
C ALA B 264 -5.50 -21.70 -14.21
N GLY B 265 -6.40 -20.74 -14.11
CA GLY B 265 -7.02 -20.14 -15.28
C GLY B 265 -6.01 -19.33 -16.05
N ASP B 266 -5.14 -18.64 -15.31
CA ASP B 266 -4.09 -17.84 -15.92
C ASP B 266 -3.07 -18.73 -16.62
N ALA B 267 -2.69 -19.82 -15.97
CA ALA B 267 -1.78 -20.80 -16.57
C ALA B 267 -2.41 -21.41 -17.81
N PHE B 268 -3.72 -21.62 -17.74
CA PHE B 268 -4.49 -22.13 -18.88
C PHE B 268 -4.34 -21.20 -20.08
N VAL B 269 -4.57 -19.90 -19.85
CA VAL B 269 -4.46 -18.90 -20.89
C VAL B 269 -3.06 -18.85 -21.48
N GLY B 270 -2.06 -18.88 -20.61
CA GLY B 270 -0.67 -18.85 -21.02
C GLY B 270 -0.33 -19.96 -21.99
N GLY B 271 -0.72 -21.18 -21.64
CA GLY B 271 -0.48 -22.34 -22.49
C GLY B 271 -1.21 -22.22 -23.81
N LEU B 272 -2.43 -21.69 -23.75
CA LEU B 272 -3.23 -21.48 -24.96
C LEU B 272 -2.58 -20.46 -25.89
N LEU B 273 -2.22 -19.30 -25.32
CA LEU B 273 -1.68 -18.21 -26.11
C LEU B 273 -0.29 -18.49 -26.67
N TYR B 274 0.51 -19.22 -25.91
CA TYR B 274 1.86 -19.58 -26.37
C TYR B 274 1.81 -20.38 -27.65
N ARG B 275 0.89 -21.33 -27.71
CA ARG B 275 0.78 -22.22 -28.85
C ARG B 275 0.12 -21.54 -30.04
N LEU B 276 -0.90 -20.73 -29.77
CA LEU B 276 -1.59 -20.00 -30.83
C LEU B 276 -0.67 -18.97 -31.47
N SER B 277 0.22 -18.40 -30.68
CA SER B 277 1.11 -17.34 -31.14
C SER B 277 2.23 -17.86 -32.04
N VAL B 278 2.67 -19.09 -31.79
CA VAL B 278 3.77 -19.66 -32.56
C VAL B 278 3.27 -20.44 -33.76
N ALA B 279 1.96 -20.54 -33.89
CA ALA B 279 1.36 -21.24 -35.01
C ALA B 279 1.54 -20.46 -36.32
N GLN B 280 1.66 -21.20 -37.41
CA GLN B 280 1.67 -20.60 -38.74
C GLN B 280 0.27 -20.11 -39.07
N ASP B 281 -0.72 -20.91 -38.68
CA ASP B 281 -2.12 -20.56 -38.89
C ASP B 281 -2.93 -20.98 -37.67
N TRP B 282 -3.06 -20.08 -36.71
CA TRP B 282 -3.76 -20.39 -35.46
C TRP B 282 -5.25 -20.58 -35.69
N HIS B 283 -5.75 -20.12 -36.83
CA HIS B 283 -7.15 -20.28 -37.18
C HIS B 283 -7.50 -21.75 -37.44
N ASN B 284 -6.48 -22.54 -37.79
CA ASN B 284 -6.64 -23.96 -38.03
C ASN B 284 -7.32 -24.66 -36.87
N GLN B 285 -8.35 -25.45 -37.18
CA GLN B 285 -9.08 -26.19 -36.16
C GLN B 285 -8.18 -27.19 -35.45
N ALA B 286 -7.26 -27.78 -36.21
CA ALA B 286 -6.33 -28.75 -35.66
C ALA B 286 -5.34 -28.07 -34.73
N THR B 287 -4.90 -26.88 -35.12
CA THR B 287 -3.98 -26.08 -34.33
C THR B 287 -4.63 -25.64 -33.03
N ILE B 288 -5.89 -25.23 -33.12
CA ILE B 288 -6.66 -24.82 -31.95
C ILE B 288 -6.81 -25.97 -30.96
N LEU B 289 -7.11 -27.16 -31.47
CA LEU B 289 -7.30 -28.34 -30.64
C LEU B 289 -6.05 -28.67 -29.85
N ASP B 290 -4.90 -28.55 -30.51
CA ASP B 290 -3.62 -28.81 -29.87
C ASP B 290 -3.30 -27.73 -28.83
N ALA B 291 -3.73 -26.51 -29.12
CA ALA B 291 -3.51 -25.39 -28.21
C ALA B 291 -4.30 -25.57 -26.91
N VAL B 292 -5.54 -26.02 -27.04
CA VAL B 292 -6.38 -26.30 -25.88
C VAL B 292 -5.80 -27.45 -25.06
N LYS B 293 -5.18 -28.40 -25.76
CA LYS B 293 -4.51 -29.53 -25.11
C LYS B 293 -3.41 -29.04 -24.17
N TRP B 294 -2.59 -28.12 -24.66
CA TRP B 294 -1.54 -27.50 -23.86
C TRP B 294 -2.13 -26.70 -22.71
N ALA B 295 -3.23 -26.00 -23.01
CA ALA B 295 -3.88 -25.15 -22.02
C ALA B 295 -4.37 -25.96 -20.83
N ASN B 296 -4.98 -27.11 -21.12
CA ASN B 296 -5.38 -28.04 -20.07
C ASN B 296 -4.16 -28.57 -19.33
N GLY B 297 -3.07 -28.77 -20.07
CA GLY B 297 -1.83 -29.27 -19.50
C GLY B 297 -1.27 -28.31 -18.48
N CYS B 298 -1.18 -27.03 -18.84
CA CYS B 298 -0.69 -26.01 -17.93
C CYS B 298 -1.61 -25.86 -16.73
N GLY B 299 -2.92 -25.89 -16.99
CA GLY B 299 -3.92 -25.78 -15.94
C GLY B 299 -3.82 -26.89 -14.91
N ALA B 300 -3.64 -28.12 -15.39
CA ALA B 300 -3.49 -29.26 -14.51
C ALA B 300 -2.16 -29.20 -13.76
N LEU B 301 -1.12 -28.75 -14.45
CA LEU B 301 0.22 -28.65 -13.88
C LEU B 301 0.26 -27.74 -12.67
N ALA B 302 -0.49 -26.63 -12.75
CA ALA B 302 -0.49 -25.64 -11.69
C ALA B 302 -1.23 -26.14 -10.45
N THR B 303 -2.27 -26.95 -10.65
CA THR B 303 -3.10 -27.39 -9.54
C THR B 303 -2.59 -28.66 -8.86
N THR B 304 -1.50 -29.21 -9.39
CA THR B 304 -0.87 -30.38 -8.76
C THR B 304 0.22 -29.94 -7.78
N GLN B 305 0.61 -28.67 -7.88
CA GLN B 305 1.58 -28.08 -6.97
C GLN B 305 0.91 -27.52 -5.73
N LYS B 306 -0.03 -28.30 -5.17
CA LYS B 306 -0.77 -27.94 -3.95
C LYS B 306 -1.64 -26.69 -4.14
N GLY B 307 -1.51 -26.03 -5.29
CA GLY B 307 -2.28 -24.83 -5.57
C GLY B 307 -3.63 -25.14 -6.17
NA NA C . 13.26 0.72 15.33
#